data_8DMR
#
_entry.id   8DMR
#
_cell.length_a   95.557
_cell.length_b   95.557
_cell.length_c   54.046
_cell.angle_alpha   90.000
_cell.angle_beta   90.000
_cell.angle_gamma   90.000
#
_symmetry.space_group_name_H-M   'P 41'
#
loop_
_entity.id
_entity.type
_entity.pdbx_description
1 polymer MavL
2 non-polymer '[(2R,3S,4R,5R)-5-(6-AMINOPURIN-9-YL)-3,4-DIHYDROXY-OXOLAN-2-YL]METHYL [HYDROXY-[[(2R,3S,4R,5S)-3,4,5-TRIHYDROXYOXOLAN-2-YL]METHOXY]PHOSPHORYL] HYDROGEN PHOSPHATE'
3 non-polymer 1,2-ETHANEDIOL
4 non-polymer DI(HYDROXYETHYL)ETHER
5 non-polymer 'SODIUM ION'
6 non-polymer 'SULFATE ION'
7 water water
#
_entity_poly.entity_id   1
_entity_poly.type   'polypeptide(L)'
_entity_poly.pdbx_seq_one_letter_code
;GPLGSAYQLLLSKETLNKILQYKQNLEKGLATPGKFFLEELSKQEKSISEMDITTFTQLLIQSKKPQVFAESQVYHDGTD
WTLEEESILGDVSVNMPVTMYNDGGHGSSFKNHPKPISGYLAYVPGALLASGSGPTSDMKEVLDNGKLNQDKLNALYERR
LLPQLIHFNELARQNEKQAAITIPGIGTGCFSGAYYDVIKPYVRNALIHILEKHKDSLPYIDIIHYDPYMGDEPAEKKIG
HMSFRVSPSGVVRGTTGQLDYPLGSNPDTHILVSIVAWDHFSWPGNDYWGGARQTDDGVKAASTDTMGQVTGATGVYDKK
WGRYMPPESFTKDAKGMSDWGDYVRENGIVFNGPVLALDKSGKLDTLENVASRSSKAKVETTTTISDLVRSMFSLFSHS
;
_entity_poly.pdbx_strand_id   A
#
loop_
_chem_comp.id
_chem_comp.type
_chem_comp.name
_chem_comp.formula
AR6 non-polymer '[(2R,3S,4R,5R)-5-(6-AMINOPURIN-9-YL)-3,4-DIHYDROXY-OXOLAN-2-YL]METHYL [HYDROXY-[[(2R,3S,4R,5S)-3,4,5-TRIHYDROXYOXOLAN-2-YL]METHOXY]PHOSPHORYL] HYDROGEN PHOSPHATE' 'C15 H23 N5 O14 P2'
EDO non-polymer 1,2-ETHANEDIOL 'C2 H6 O2'
NA non-polymer 'SODIUM ION' 'Na 1'
PEG non-polymer DI(HYDROXYETHYL)ETHER 'C4 H10 O3'
SO4 non-polymer 'SULFATE ION' 'O4 S -2'
#
# COMPACT_ATOMS: atom_id res chain seq x y z
N GLY A 1 -3.53 11.81 24.66
CA GLY A 1 -3.94 11.64 23.27
C GLY A 1 -4.47 10.25 22.91
N PRO A 2 -4.74 10.04 21.62
CA PRO A 2 -5.19 8.73 21.15
C PRO A 2 -4.21 7.62 21.50
N LEU A 3 -4.76 6.40 21.62
CA LEU A 3 -3.94 5.20 21.73
C LEU A 3 -2.99 5.08 20.56
N GLY A 4 -1.85 4.45 20.79
CA GLY A 4 -0.96 4.19 19.68
C GLY A 4 -1.66 3.41 18.57
N SER A 5 -1.31 3.73 17.33
CA SER A 5 -1.82 3.06 16.13
C SER A 5 -0.83 2.03 15.63
N ALA A 6 -1.31 0.83 15.33
CA ALA A 6 -0.36 -0.14 14.77
C ALA A 6 0.08 0.23 13.36
N TYR A 7 -0.66 1.08 12.65
CA TYR A 7 -0.30 1.42 11.29
C TYR A 7 0.02 2.90 11.11
N GLN A 8 0.85 3.18 10.12
CA GLN A 8 1.34 4.52 9.85
C GLN A 8 1.22 4.83 8.37
N LEU A 9 0.65 5.98 8.06
CA LEU A 9 0.42 6.46 6.68
C LEU A 9 1.53 7.41 6.30
N LEU A 10 2.08 7.24 5.10
CA LEU A 10 3.14 8.10 4.60
C LEU A 10 2.78 8.63 3.22
N LEU A 11 3.42 9.74 2.87
CA LEU A 11 3.28 10.32 1.54
C LEU A 11 4.43 11.27 1.23
N SER A 12 4.57 11.57 -0.06
CA SER A 12 5.69 12.37 -0.54
C SER A 12 5.43 13.87 -0.38
N LYS A 13 6.53 14.63 -0.53
CA LYS A 13 6.46 16.10 -0.56
C LYS A 13 5.54 16.58 -1.69
N GLU A 14 5.65 15.96 -2.87
CA GLU A 14 4.78 16.36 -3.97
C GLU A 14 3.31 16.07 -3.68
N THR A 15 3.02 14.99 -2.94
CA THR A 15 1.63 14.70 -2.59
C THR A 15 1.14 15.70 -1.56
N LEU A 16 2.00 16.10 -0.64
CA LEU A 16 1.62 17.15 0.30
C LEU A 16 1.24 18.45 -0.44
N ASN A 17 2.04 18.83 -1.43
CA ASN A 17 1.69 19.97 -2.25
C ASN A 17 0.31 19.83 -2.88
N LYS A 18 -0.02 18.64 -3.37
CA LYS A 18 -1.36 18.44 -3.93
C LYS A 18 -2.44 18.60 -2.88
N ILE A 19 -2.16 18.10 -1.67
CA ILE A 19 -3.13 18.20 -0.59
C ILE A 19 -3.35 19.66 -0.21
N LEU A 20 -2.26 20.42 -0.09
CA LEU A 20 -2.37 21.85 0.20
C LEU A 20 -3.13 22.59 -0.89
N GLN A 21 -2.84 22.30 -2.16
CA GLN A 21 -3.59 22.95 -3.24
C GLN A 21 -5.07 22.58 -3.17
N TYR A 22 -5.37 21.31 -2.93
CA TYR A 22 -6.77 20.91 -2.80
C TYR A 22 -7.44 21.58 -1.62
N LYS A 23 -6.78 21.56 -0.46
CA LYS A 23 -7.39 22.17 0.72
C LYS A 23 -7.67 23.64 0.46
N GLN A 24 -6.74 24.32 -0.22
CA GLN A 24 -6.92 25.73 -0.48
C GLN A 24 -8.02 25.96 -1.51
N ASN A 25 -8.13 25.07 -2.50
CA ASN A 25 -9.20 25.19 -3.49
C ASN A 25 -10.57 25.01 -2.85
N LEU A 26 -10.68 24.09 -1.89
CA LEU A 26 -11.93 23.97 -1.13
C LEU A 26 -12.19 25.22 -0.28
N GLU A 27 -11.18 25.70 0.44
CA GLU A 27 -11.38 26.90 1.27
C GLU A 27 -11.86 28.08 0.45
N LYS A 28 -11.42 28.18 -0.80
CA LYS A 28 -11.78 29.32 -1.63
C LYS A 28 -13.04 29.05 -2.44
N GLY A 29 -13.59 27.84 -2.37
CA GLY A 29 -14.84 27.54 -3.05
C GLY A 29 -14.68 27.19 -4.52
N LEU A 30 -13.48 26.81 -4.94
CA LEU A 30 -13.12 26.46 -6.30
C LEU A 30 -13.26 24.96 -6.58
N ALA A 31 -13.37 24.14 -5.53
CA ALA A 31 -13.47 22.69 -5.65
C ALA A 31 -14.70 22.25 -4.86
N THR A 32 -15.30 21.17 -5.35
CA THR A 32 -16.37 20.44 -4.69
C THR A 32 -15.80 19.11 -4.25
N PRO A 33 -15.93 18.73 -2.99
CA PRO A 33 -15.44 17.41 -2.58
C PRO A 33 -16.30 16.34 -3.20
N GLY A 34 -15.72 15.14 -3.30
CA GLY A 34 -16.52 13.99 -3.64
C GLY A 34 -17.47 13.62 -2.52
N LYS A 35 -18.50 12.86 -2.88
CA LYS A 35 -19.54 12.61 -1.89
C LYS A 35 -19.00 11.80 -0.72
N PHE A 36 -18.06 10.88 -0.97
CA PHE A 36 -17.58 10.04 0.11
C PHE A 36 -16.71 10.85 1.07
N PHE A 37 -15.88 11.74 0.53
CA PHE A 37 -15.09 12.62 1.37
C PHE A 37 -16.01 13.54 2.16
N LEU A 38 -17.07 14.05 1.51
CA LEU A 38 -18.03 14.90 2.21
C LEU A 38 -18.69 14.14 3.36
N GLU A 39 -19.00 12.86 3.14
N GLU A 39 -19.00 12.86 3.17
CA GLU A 39 -19.60 12.05 4.21
CA GLU A 39 -19.63 12.11 4.26
C GLU A 39 -18.70 11.99 5.44
C GLU A 39 -18.69 12.02 5.47
N GLU A 40 -17.39 11.77 5.24
CA GLU A 40 -16.47 11.72 6.38
C GLU A 40 -16.31 13.10 7.03
N LEU A 41 -16.26 14.15 6.22
CA LEU A 41 -16.21 15.50 6.78
C LEU A 41 -17.41 15.81 7.66
N SER A 42 -18.59 15.27 7.32
CA SER A 42 -19.80 15.61 8.06
C SER A 42 -19.90 14.90 9.40
N LYS A 43 -19.04 13.93 9.68
CA LYS A 43 -19.05 13.24 10.95
C LYS A 43 -18.14 13.90 11.99
N GLN A 44 -17.47 15.00 11.65
CA GLN A 44 -16.70 15.83 12.58
C GLN A 44 -17.25 17.25 12.48
N GLU A 45 -16.75 18.18 13.29
CA GLU A 45 -17.43 19.46 13.45
C GLU A 45 -16.74 20.64 12.80
N LYS A 46 -15.49 20.48 12.38
CA LYS A 46 -14.68 21.60 11.93
C LYS A 46 -14.89 21.88 10.44
N SER A 47 -14.90 23.17 10.10
CA SER A 47 -14.81 23.60 8.72
C SER A 47 -13.42 23.28 8.15
N ILE A 48 -13.34 23.22 6.82
CA ILE A 48 -12.06 22.96 6.17
C ILE A 48 -11.00 23.94 6.68
N SER A 49 -11.37 25.23 6.74
CA SER A 49 -10.34 26.22 7.06
C SER A 49 -9.89 26.11 8.52
N GLU A 50 -10.76 25.66 9.42
CA GLU A 50 -10.34 25.54 10.82
C GLU A 50 -9.50 24.29 11.07
N MET A 51 -9.72 23.20 10.33
CA MET A 51 -8.94 22.00 10.60
C MET A 51 -7.53 22.16 10.04
N ASP A 52 -6.60 21.41 10.61
CA ASP A 52 -5.24 21.47 10.07
C ASP A 52 -5.08 20.47 8.93
N ILE A 53 -3.86 20.46 8.36
CA ILE A 53 -3.59 19.68 7.16
C ILE A 53 -3.55 18.20 7.47
N THR A 54 -3.06 17.84 8.64
CA THR A 54 -3.04 16.42 9.01
C THR A 54 -4.48 15.89 9.18
N THR A 55 -5.33 16.62 9.91
CA THR A 55 -6.73 16.20 10.06
C THR A 55 -7.42 16.11 8.72
N PHE A 56 -7.21 17.11 7.86
CA PHE A 56 -7.79 17.13 6.52
C PHE A 56 -7.38 15.90 5.74
N THR A 57 -6.09 15.59 5.76
CA THR A 57 -5.60 14.39 5.08
C THR A 57 -6.20 13.13 5.68
N GLN A 58 -6.18 13.02 6.99
CA GLN A 58 -6.75 11.83 7.62
C GLN A 58 -8.20 11.62 7.18
N LEU A 59 -8.97 12.70 7.05
CA LEU A 59 -10.39 12.52 6.75
C LEU A 59 -10.57 12.06 5.30
N LEU A 60 -9.74 12.55 4.39
CA LEU A 60 -9.78 12.02 3.04
C LEU A 60 -9.43 10.55 3.00
N ILE A 61 -8.36 10.16 3.73
CA ILE A 61 -7.98 8.75 3.80
C ILE A 61 -9.10 7.91 4.42
N GLN A 62 -9.79 8.49 5.40
CA GLN A 62 -10.89 7.80 6.04
C GLN A 62 -12.06 7.51 5.10
N SER A 63 -12.17 8.23 3.97
CA SER A 63 -13.22 7.97 2.98
C SER A 63 -13.01 6.65 2.26
N LYS A 64 -11.82 6.06 2.37
CA LYS A 64 -11.64 4.72 1.85
C LYS A 64 -12.64 3.77 2.48
N LYS A 65 -13.05 2.77 1.70
CA LYS A 65 -13.92 1.73 2.19
C LYS A 65 -13.18 0.40 2.31
N PRO A 66 -13.62 -0.49 3.20
CA PRO A 66 -12.83 -1.72 3.42
C PRO A 66 -12.55 -2.47 2.14
N GLN A 67 -13.58 -2.71 1.33
CA GLN A 67 -13.44 -3.36 0.03
C GLN A 67 -14.02 -2.46 -1.05
N VAL A 68 -13.18 -2.10 -2.01
CA VAL A 68 -13.59 -1.43 -3.23
C VAL A 68 -12.52 -1.63 -4.28
N PHE A 69 -12.93 -2.09 -5.45
CA PHE A 69 -12.02 -2.38 -6.55
C PHE A 69 -11.91 -1.17 -7.46
N ALA A 70 -10.77 -0.48 -7.39
CA ALA A 70 -10.54 0.67 -8.26
C ALA A 70 -10.66 0.31 -9.72
N GLU A 71 -10.30 -0.92 -10.10
CA GLU A 71 -10.34 -1.18 -11.53
C GLU A 71 -11.76 -1.18 -12.11
N SER A 72 -12.80 -1.37 -11.30
CA SER A 72 -14.14 -1.62 -11.85
C SER A 72 -15.29 -0.94 -11.13
N GLN A 73 -15.14 -0.53 -9.88
CA GLN A 73 -16.27 -0.08 -9.08
C GLN A 73 -16.28 1.41 -8.81
N VAL A 74 -15.48 2.20 -9.55
CA VAL A 74 -15.32 3.63 -9.28
C VAL A 74 -15.60 4.43 -10.56
N TYR A 75 -16.25 5.58 -10.40
CA TYR A 75 -16.67 6.40 -11.52
C TYR A 75 -15.79 7.61 -11.77
N HIS A 76 -15.09 8.12 -10.76
CA HIS A 76 -14.13 9.21 -10.91
C HIS A 76 -14.81 10.56 -11.14
N ASP A 77 -16.03 10.77 -10.64
CA ASP A 77 -16.82 11.92 -11.05
C ASP A 77 -17.45 12.70 -9.88
N GLY A 78 -16.98 12.49 -8.68
CA GLY A 78 -17.55 13.17 -7.52
C GLY A 78 -18.70 12.44 -6.86
N THR A 79 -19.43 11.62 -7.59
CA THR A 79 -20.46 10.84 -6.93
C THR A 79 -19.83 9.83 -5.98
N ASP A 80 -18.55 9.51 -6.19
CA ASP A 80 -17.77 8.70 -5.26
C ASP A 80 -16.52 9.45 -4.85
N TRP A 81 -15.52 9.56 -5.72
CA TRP A 81 -14.36 10.42 -5.49
C TRP A 81 -14.12 11.23 -6.77
N THR A 82 -13.44 12.35 -6.61
CA THR A 82 -13.08 13.16 -7.75
C THR A 82 -11.68 12.79 -8.22
N LEU A 83 -11.32 13.24 -9.44
CA LEU A 83 -9.94 12.97 -9.88
C LEU A 83 -8.91 13.63 -8.98
N GLU A 84 -9.22 14.80 -8.41
CA GLU A 84 -8.25 15.47 -7.53
C GLU A 84 -8.02 14.67 -6.25
N GLU A 85 -9.08 14.06 -5.72
CA GLU A 85 -8.94 13.20 -4.56
C GLU A 85 -8.17 11.93 -4.90
N GLU A 86 -8.47 11.35 -6.05
CA GLU A 86 -7.83 10.11 -6.48
C GLU A 86 -6.33 10.32 -6.67
N SER A 87 -5.93 11.48 -7.20
CA SER A 87 -4.51 11.75 -7.40
C SER A 87 -3.77 11.70 -6.07
N ILE A 88 -4.39 12.19 -5.01
CA ILE A 88 -3.81 12.15 -3.67
C ILE A 88 -3.86 10.75 -3.09
N LEU A 89 -5.05 10.12 -3.10
CA LEU A 89 -5.20 8.82 -2.46
C LEU A 89 -4.25 7.78 -3.06
N GLY A 90 -4.02 7.84 -4.37
CA GLY A 90 -3.12 6.88 -4.97
C GLY A 90 -1.70 6.98 -4.47
N ASP A 91 -1.31 8.14 -3.96
CA ASP A 91 0.05 8.38 -3.48
C ASP A 91 0.26 7.98 -2.02
N VAL A 92 -0.81 7.73 -1.29
CA VAL A 92 -0.74 7.43 0.14
C VAL A 92 -0.39 5.96 0.33
N SER A 93 0.63 5.69 1.15
CA SER A 93 0.99 4.33 1.52
C SER A 93 0.76 4.11 3.00
N VAL A 94 0.73 2.85 3.44
CA VAL A 94 0.58 2.59 4.88
C VAL A 94 1.44 1.40 5.25
N ASN A 95 2.20 1.55 6.34
CA ASN A 95 3.00 0.44 6.88
C ASN A 95 2.49 -0.02 8.24
N MET A 96 2.89 -1.24 8.61
CA MET A 96 2.50 -1.81 9.87
C MET A 96 3.37 -3.03 10.14
N PRO A 97 3.77 -3.28 11.38
CA PRO A 97 4.38 -4.55 11.72
C PRO A 97 3.33 -5.65 11.61
N VAL A 98 3.77 -6.84 11.24
CA VAL A 98 2.86 -7.97 11.14
C VAL A 98 3.52 -9.26 11.60
N THR A 99 2.68 -10.18 12.03
CA THR A 99 3.00 -11.60 12.07
C THR A 99 2.63 -12.18 10.72
N MET A 100 3.55 -12.94 10.13
CA MET A 100 3.32 -13.63 8.85
C MET A 100 3.13 -15.12 9.08
N TYR A 101 1.98 -15.63 8.66
CA TYR A 101 1.61 -16.99 9.00
C TYR A 101 1.98 -18.00 7.92
N ASN A 102 2.07 -17.58 6.67
CA ASN A 102 2.52 -18.45 5.58
C ASN A 102 3.36 -17.59 4.65
N ASP A 103 3.95 -18.24 3.63
CA ASP A 103 4.87 -17.57 2.72
C ASP A 103 4.18 -16.64 1.72
N GLY A 104 2.84 -16.59 1.69
CA GLY A 104 2.16 -15.71 0.76
C GLY A 104 1.71 -16.34 -0.55
N GLY A 105 1.88 -17.65 -0.74
CA GLY A 105 1.43 -18.26 -1.98
C GLY A 105 -0.07 -18.07 -2.18
N HIS A 106 -0.46 -17.83 -3.42
CA HIS A 106 -1.87 -17.66 -3.75
C HIS A 106 -2.57 -19.01 -3.79
N GLY A 107 -3.90 -18.98 -3.73
CA GLY A 107 -4.66 -20.21 -3.75
C GLY A 107 -4.27 -21.12 -2.61
N SER A 108 -4.12 -22.42 -2.92
CA SER A 108 -3.64 -23.39 -1.94
C SER A 108 -2.14 -23.67 -2.07
N SER A 109 -1.41 -22.82 -2.80
CA SER A 109 0.03 -23.00 -2.95
C SER A 109 0.80 -22.55 -1.72
N PHE A 110 0.13 -21.88 -0.77
CA PHE A 110 0.82 -21.32 0.38
C PHE A 110 1.46 -22.42 1.21
N LYS A 111 2.60 -22.09 1.82
CA LYS A 111 3.32 -22.97 2.72
C LYS A 111 3.31 -22.29 4.08
N ASN A 112 2.76 -22.98 5.09
CA ASN A 112 2.69 -22.42 6.43
C ASN A 112 4.06 -22.33 7.06
N HIS A 113 4.33 -21.25 7.76
CA HIS A 113 5.54 -21.15 8.56
C HIS A 113 5.37 -21.99 9.81
N PRO A 114 6.26 -22.95 10.06
CA PRO A 114 6.12 -23.73 11.31
C PRO A 114 5.94 -22.83 12.52
N LYS A 115 6.79 -21.81 12.63
CA LYS A 115 6.67 -20.75 13.62
C LYS A 115 6.35 -19.47 12.86
N PRO A 116 5.26 -18.78 13.15
CA PRO A 116 4.97 -17.54 12.40
C PRO A 116 6.11 -16.54 12.57
N ILE A 117 6.45 -15.84 11.50
CA ILE A 117 7.61 -14.95 11.53
C ILE A 117 7.12 -13.51 11.66
N SER A 118 8.01 -12.64 12.09
CA SER A 118 7.71 -11.23 12.26
C SER A 118 8.36 -10.41 11.16
N GLY A 119 7.61 -9.41 10.69
CA GLY A 119 8.17 -8.46 9.77
C GLY A 119 7.20 -7.32 9.62
N TYR A 120 7.12 -6.77 8.42
CA TYR A 120 6.36 -5.56 8.17
C TYR A 120 5.74 -5.62 6.78
N LEU A 121 4.61 -4.93 6.63
CA LEU A 121 4.03 -4.70 5.31
C LEU A 121 3.99 -3.20 5.03
N ALA A 122 4.19 -2.85 3.75
CA ALA A 122 3.99 -1.50 3.24
C ALA A 122 3.06 -1.55 2.04
N TYR A 123 1.79 -1.21 2.26
CA TYR A 123 0.78 -1.12 1.22
C TYR A 123 0.98 0.18 0.43
N VAL A 124 1.13 0.05 -0.88
CA VAL A 124 1.38 1.15 -1.81
C VAL A 124 0.49 0.98 -3.05
N PRO A 125 -0.32 1.95 -3.45
CA PRO A 125 -1.14 1.74 -4.67
C PRO A 125 -0.30 1.86 -5.94
N GLY A 126 -0.50 0.93 -6.86
CA GLY A 126 0.15 1.01 -8.15
C GLY A 126 -0.51 2.03 -9.07
N ALA A 127 0.14 2.24 -10.22
CA ALA A 127 -0.44 3.08 -11.26
C ALA A 127 -1.77 2.48 -11.72
N LEU A 128 -2.83 3.27 -11.65
CA LEU A 128 -4.18 2.77 -11.96
C LEU A 128 -4.44 3.03 -13.45
N LEU A 129 -4.27 1.99 -14.27
CA LEU A 129 -4.41 2.06 -15.71
C LEU A 129 -5.57 1.20 -16.22
N ALA A 130 -6.52 0.91 -15.32
CA ALA A 130 -7.77 0.23 -15.64
C ALA A 130 -8.92 1.04 -15.06
N SER A 131 -10.06 0.98 -15.75
CA SER A 131 -11.26 1.65 -15.28
C SER A 131 -12.50 1.05 -15.93
N GLY A 132 -13.54 0.88 -15.14
CA GLY A 132 -14.82 0.56 -15.71
C GLY A 132 -15.63 1.75 -16.17
N SER A 133 -15.07 2.95 -16.01
CA SER A 133 -15.79 4.17 -16.33
C SER A 133 -14.86 5.05 -17.18
N GLY A 134 -14.67 6.30 -16.79
CA GLY A 134 -13.80 7.16 -17.57
C GLY A 134 -12.33 6.96 -17.24
N PRO A 135 -11.49 7.81 -17.80
CA PRO A 135 -10.06 7.69 -17.54
C PRO A 135 -9.71 8.11 -16.13
N THR A 136 -8.62 7.59 -15.64
CA THR A 136 -8.18 7.78 -14.29
C THR A 136 -7.13 8.87 -14.19
N SER A 137 -6.84 9.28 -12.96
CA SER A 137 -5.80 10.28 -12.75
C SER A 137 -4.45 9.74 -13.20
N ASP A 138 -4.17 8.48 -12.88
CA ASP A 138 -2.87 7.93 -13.25
C ASP A 138 -2.73 7.76 -14.76
N MET A 139 -3.83 7.44 -15.44
CA MET A 139 -3.79 7.41 -16.90
C MET A 139 -3.42 8.78 -17.47
N LYS A 140 -4.02 9.84 -16.95
CA LYS A 140 -3.70 11.18 -17.42
C LYS A 140 -2.24 11.49 -17.20
N GLU A 141 -1.70 10.99 -16.09
CA GLU A 141 -0.37 11.37 -15.65
C GLU A 141 0.72 10.67 -16.48
N VAL A 142 0.60 9.36 -16.72
CA VAL A 142 1.74 8.58 -17.23
C VAL A 142 1.56 8.16 -18.68
N LEU A 143 0.42 8.44 -19.30
CA LEU A 143 0.25 8.13 -20.71
C LEU A 143 0.32 9.41 -21.51
N ASP A 144 1.02 9.34 -22.64
CA ASP A 144 1.05 10.39 -23.66
C ASP A 144 0.26 9.87 -24.85
N ASN A 145 -0.91 10.46 -25.10
CA ASN A 145 -1.77 10.04 -26.20
C ASN A 145 -1.85 8.51 -26.28
N GLY A 146 -2.05 7.88 -25.12
CA GLY A 146 -2.22 6.45 -25.03
C GLY A 146 -0.97 5.62 -24.81
N LYS A 147 0.22 6.20 -24.96
CA LYS A 147 1.48 5.47 -24.84
C LYS A 147 2.07 5.67 -23.46
N LEU A 148 2.48 4.57 -22.84
CA LEU A 148 3.19 4.66 -21.56
C LEU A 148 4.45 5.50 -21.68
N ASN A 149 4.74 6.28 -20.65
CA ASN A 149 5.94 7.11 -20.61
C ASN A 149 6.76 6.68 -19.40
N GLN A 150 7.94 6.14 -19.66
CA GLN A 150 8.74 5.57 -18.57
C GLN A 150 9.13 6.62 -17.55
N ASP A 151 9.55 7.81 -18.01
CA ASP A 151 10.01 8.82 -17.05
C ASP A 151 8.88 9.24 -16.13
N LYS A 152 7.66 9.39 -16.68
CA LYS A 152 6.51 9.75 -15.87
C LYS A 152 6.09 8.62 -14.95
N LEU A 153 6.16 7.36 -15.43
CA LEU A 153 5.90 6.26 -14.53
C LEU A 153 6.95 6.18 -13.41
N ASN A 154 8.22 6.40 -13.76
CA ASN A 154 9.28 6.41 -12.74
C ASN A 154 8.97 7.42 -11.64
N ALA A 155 8.56 8.64 -12.02
CA ALA A 155 8.30 9.69 -11.04
C ALA A 155 7.12 9.32 -10.14
N LEU A 156 6.09 8.68 -10.71
CA LEU A 156 4.96 8.23 -9.91
C LEU A 156 5.40 7.20 -8.88
N TYR A 157 6.12 6.16 -9.29
CA TYR A 157 6.53 5.15 -8.31
C TYR A 157 7.55 5.73 -7.32
N GLU A 158 8.34 6.71 -7.77
CA GLU A 158 9.28 7.36 -6.87
C GLU A 158 8.54 8.05 -5.74
N ARG A 159 7.52 8.83 -6.10
CA ARG A 159 6.65 9.49 -5.13
C ARG A 159 6.08 8.49 -4.15
N ARG A 160 5.63 7.35 -4.65
CA ARG A 160 4.84 6.47 -3.81
C ARG A 160 5.68 5.54 -2.95
N LEU A 161 6.82 5.09 -3.48
CA LEU A 161 7.62 4.10 -2.79
C LEU A 161 8.73 4.69 -1.95
N LEU A 162 9.30 5.82 -2.34
CA LEU A 162 10.44 6.34 -1.59
C LEU A 162 10.12 6.63 -0.13
N PRO A 163 8.95 7.15 0.25
CA PRO A 163 8.71 7.37 1.69
C PRO A 163 8.83 6.09 2.50
N GLN A 164 8.35 4.97 1.95
CA GLN A 164 8.44 3.69 2.65
C GLN A 164 9.88 3.17 2.66
N LEU A 165 10.62 3.34 1.57
CA LEU A 165 12.02 2.94 1.60
C LEU A 165 12.80 3.72 2.65
N ILE A 166 12.57 5.04 2.74
CA ILE A 166 13.26 5.85 3.74
C ILE A 166 12.87 5.41 5.14
N HIS A 167 11.58 5.20 5.37
CA HIS A 167 11.09 4.71 6.65
C HIS A 167 11.82 3.43 7.09
N PHE A 168 11.90 2.44 6.20
CA PHE A 168 12.48 1.15 6.61
C PHE A 168 13.99 1.16 6.67
N ASN A 169 14.64 2.05 5.91
CA ASN A 169 16.06 2.30 6.15
C ASN A 169 16.31 2.76 7.58
N GLU A 170 15.53 3.74 8.05
CA GLU A 170 15.71 4.26 9.39
C GLU A 170 15.33 3.21 10.42
N LEU A 171 14.33 2.40 10.10
CA LEU A 171 13.89 1.41 11.07
C LEU A 171 14.93 0.30 11.18
N ALA A 172 15.52 -0.10 10.06
CA ALA A 172 16.61 -1.07 10.11
C ALA A 172 17.78 -0.52 10.91
N ARG A 173 18.14 0.74 10.65
CA ARG A 173 19.22 1.35 11.40
C ARG A 173 18.93 1.33 12.89
N GLN A 174 17.74 1.77 13.31
CA GLN A 174 17.55 1.89 14.74
C GLN A 174 17.45 0.50 15.39
N ASN A 175 17.08 -0.53 14.62
CA ASN A 175 17.09 -1.89 15.13
C ASN A 175 18.43 -2.60 14.95
N GLU A 176 19.46 -1.89 14.46
CA GLU A 176 20.80 -2.45 14.31
C GLU A 176 20.78 -3.69 13.40
N LYS A 177 20.06 -3.56 12.29
CA LYS A 177 19.93 -4.60 11.28
C LYS A 177 19.93 -3.95 9.90
N GLN A 178 19.80 -4.79 8.88
CA GLN A 178 19.62 -4.37 7.50
C GLN A 178 18.23 -4.78 7.05
N ALA A 179 17.76 -4.19 5.95
CA ALA A 179 16.44 -4.50 5.44
C ALA A 179 16.52 -5.44 4.23
N ALA A 180 15.65 -6.43 4.22
CA ALA A 180 15.35 -7.25 3.06
C ALA A 180 13.90 -6.94 2.67
N ILE A 181 13.68 -6.51 1.43
CA ILE A 181 12.36 -6.06 0.98
C ILE A 181 11.91 -6.92 -0.19
N THR A 182 10.76 -7.56 -0.05
CA THR A 182 10.15 -8.31 -1.14
C THR A 182 9.12 -7.41 -1.81
N ILE A 183 9.08 -7.49 -3.13
CA ILE A 183 8.26 -6.59 -3.92
C ILE A 183 7.56 -7.41 -5.00
N PRO A 184 6.23 -7.23 -5.19
CA PRO A 184 5.51 -7.93 -6.25
C PRO A 184 5.47 -7.10 -7.52
N GLY A 185 4.83 -7.63 -8.55
CA GLY A 185 4.65 -6.85 -9.76
C GLY A 185 3.53 -5.84 -9.64
N ILE A 186 3.79 -4.77 -8.89
CA ILE A 186 2.76 -3.77 -8.60
C ILE A 186 2.26 -3.13 -9.88
N GLY A 187 0.94 -3.05 -10.00
CA GLY A 187 0.33 -2.46 -11.17
C GLY A 187 0.22 -3.35 -12.39
N THR A 188 0.70 -4.58 -12.34
CA THR A 188 0.80 -5.38 -13.55
C THR A 188 -0.30 -6.44 -13.67
N GLY A 189 -1.26 -6.44 -12.76
CA GLY A 189 -2.39 -7.33 -12.84
C GLY A 189 -3.70 -6.57 -13.01
N CYS A 190 -4.49 -6.49 -11.92
CA CYS A 190 -5.81 -5.87 -11.99
C CYS A 190 -5.74 -4.41 -12.41
N PHE A 191 -4.62 -3.72 -12.12
CA PHE A 191 -4.49 -2.30 -12.43
C PHE A 191 -3.93 -2.05 -13.82
N SER A 192 -3.62 -3.10 -14.60
CA SER A 192 -2.90 -2.91 -15.87
C SER A 192 -3.81 -2.58 -17.05
N GLY A 193 -5.05 -3.04 -17.03
CA GLY A 193 -5.96 -2.65 -18.10
C GLY A 193 -5.42 -3.07 -19.45
N ALA A 194 -5.56 -2.18 -20.44
CA ALA A 194 -5.10 -2.48 -21.78
C ALA A 194 -3.59 -2.62 -21.88
N TYR A 195 -2.86 -2.32 -20.82
CA TYR A 195 -1.40 -2.32 -20.81
C TYR A 195 -0.84 -3.62 -20.23
N TYR A 196 -1.72 -4.61 -20.02
CA TYR A 196 -1.31 -5.89 -19.42
C TYR A 196 -0.09 -6.49 -20.12
N ASP A 197 -0.07 -6.48 -21.44
CA ASP A 197 0.94 -7.17 -22.22
C ASP A 197 2.23 -6.37 -22.35
N VAL A 198 2.29 -5.13 -21.82
CA VAL A 198 3.48 -4.32 -22.01
C VAL A 198 4.03 -3.69 -20.73
N ILE A 199 3.28 -3.76 -19.63
CA ILE A 199 3.60 -2.98 -18.45
C ILE A 199 4.76 -3.57 -17.64
N LYS A 200 5.02 -4.87 -17.73
CA LYS A 200 5.95 -5.46 -16.77
C LYS A 200 7.34 -4.87 -16.83
N PRO A 201 7.97 -4.71 -18.00
CA PRO A 201 9.31 -4.09 -17.98
C PRO A 201 9.30 -2.68 -17.43
N TYR A 202 8.22 -1.91 -17.62
CA TYR A 202 8.19 -0.55 -17.11
C TYR A 202 8.30 -0.53 -15.59
N VAL A 203 7.66 -1.48 -14.91
CA VAL A 203 7.66 -1.48 -13.45
C VAL A 203 9.04 -1.86 -12.94
N ARG A 204 9.64 -2.89 -13.53
CA ARG A 204 11.01 -3.25 -13.16
C ARG A 204 11.97 -2.09 -13.39
N ASN A 205 11.80 -1.38 -14.50
CA ASN A 205 12.70 -0.26 -14.78
C ASN A 205 12.48 0.85 -13.76
N ALA A 206 11.22 1.05 -13.35
CA ALA A 206 10.94 2.08 -12.35
C ALA A 206 11.60 1.75 -11.02
N LEU A 207 11.55 0.48 -10.61
CA LEU A 207 12.18 0.08 -9.36
C LEU A 207 13.68 0.28 -9.41
N ILE A 208 14.30 -0.13 -10.50
CA ILE A 208 15.75 0.06 -10.67
C ILE A 208 16.11 1.54 -10.62
N HIS A 209 15.31 2.38 -11.29
CA HIS A 209 15.63 3.81 -11.34
C HIS A 209 15.57 4.43 -9.94
N ILE A 210 14.52 4.09 -9.17
CA ILE A 210 14.38 4.63 -7.82
C ILE A 210 15.55 4.21 -6.95
N LEU A 211 15.93 2.93 -7.01
CA LEU A 211 17.03 2.45 -6.18
C LEU A 211 18.36 3.05 -6.60
N GLU A 212 18.62 3.17 -7.92
CA GLU A 212 19.84 3.81 -8.38
C GLU A 212 19.90 5.26 -7.94
N LYS A 213 18.78 5.98 -8.08
CA LYS A 213 18.78 7.41 -7.82
C LYS A 213 18.95 7.70 -6.35
N HIS A 214 18.39 6.86 -5.49
CA HIS A 214 18.34 7.16 -4.07
C HIS A 214 19.21 6.25 -3.21
N LYS A 215 20.16 5.54 -3.82
CA LYS A 215 20.93 4.54 -3.05
C LYS A 215 21.66 5.20 -1.88
N ASP A 216 22.12 6.45 -2.04
CA ASP A 216 22.85 7.13 -0.96
C ASP A 216 21.98 7.35 0.28
N SER A 217 20.66 7.38 0.12
CA SER A 217 19.72 7.53 1.22
C SER A 217 19.28 6.19 1.81
N LEU A 218 19.75 5.10 1.26
CA LEU A 218 19.29 3.78 1.65
C LEU A 218 20.43 2.85 2.07
N PRO A 219 21.37 3.31 2.90
CA PRO A 219 22.53 2.47 3.24
C PRO A 219 22.19 1.19 4.01
N TYR A 220 21.06 1.15 4.73
CA TYR A 220 20.67 -0.01 5.53
C TYR A 220 19.72 -0.93 4.78
N ILE A 221 19.35 -0.58 3.56
CA ILE A 221 18.64 -1.50 2.67
C ILE A 221 19.67 -2.39 1.98
N ASP A 222 19.48 -3.70 2.07
CA ASP A 222 20.52 -4.63 1.59
C ASP A 222 20.05 -5.50 0.44
N ILE A 223 18.84 -6.04 0.52
CA ILE A 223 18.34 -7.01 -0.46
C ILE A 223 16.98 -6.51 -0.94
N ILE A 224 16.78 -6.51 -2.27
CA ILE A 224 15.51 -6.22 -2.92
C ILE A 224 15.14 -7.46 -3.74
N HIS A 225 14.08 -8.13 -3.34
CA HIS A 225 13.64 -9.39 -3.96
C HIS A 225 12.37 -9.04 -4.75
N TYR A 226 12.53 -8.85 -6.07
CA TYR A 226 11.42 -8.43 -6.92
C TYR A 226 10.87 -9.66 -7.64
N ASP A 227 9.60 -9.95 -7.39
CA ASP A 227 8.92 -11.14 -7.91
C ASP A 227 7.71 -10.71 -8.72
N PRO A 228 7.86 -10.50 -10.03
CA PRO A 228 6.70 -10.18 -10.88
C PRO A 228 5.83 -11.38 -11.22
N TYR A 229 6.15 -12.52 -10.62
CA TYR A 229 5.47 -13.82 -10.77
C TYR A 229 5.77 -14.46 -12.11
N MET A 230 5.36 -13.80 -13.19
CA MET A 230 5.73 -14.22 -14.53
C MET A 230 6.05 -12.99 -15.38
N GLY A 231 6.70 -13.23 -16.52
CA GLY A 231 6.85 -12.20 -17.54
C GLY A 231 8.07 -11.30 -17.41
N ASP A 232 9.09 -11.73 -16.69
CA ASP A 232 10.35 -10.98 -16.61
C ASP A 232 11.46 -11.99 -16.38
N GLU A 233 12.65 -11.69 -16.89
CA GLU A 233 13.74 -12.66 -16.85
C GLU A 233 14.37 -12.73 -15.46
N PRO A 234 14.60 -13.93 -14.94
CA PRO A 234 15.39 -14.06 -13.72
C PRO A 234 16.76 -13.42 -13.90
N ALA A 235 17.16 -12.63 -12.90
CA ALA A 235 18.34 -11.79 -12.98
C ALA A 235 18.72 -11.39 -11.58
N GLU A 236 19.99 -11.02 -11.43
CA GLU A 236 20.53 -10.50 -10.18
C GLU A 236 21.49 -9.39 -10.58
N LYS A 237 21.37 -8.21 -9.96
CA LYS A 237 22.37 -7.18 -10.22
C LYS A 237 22.57 -6.39 -8.93
N LYS A 238 23.73 -5.76 -8.84
CA LYS A 238 24.04 -4.85 -7.75
C LYS A 238 23.67 -3.42 -8.13
N ILE A 239 22.89 -2.79 -7.27
CA ILE A 239 22.59 -1.38 -7.40
C ILE A 239 23.29 -0.71 -6.23
N GLY A 240 24.45 -0.12 -6.51
CA GLY A 240 25.31 0.32 -5.43
C GLY A 240 25.63 -0.87 -4.55
N HIS A 241 25.26 -0.78 -3.28
CA HIS A 241 25.48 -1.81 -2.27
C HIS A 241 24.36 -2.84 -2.21
N MET A 242 23.28 -2.62 -2.94
CA MET A 242 22.04 -3.32 -2.76
C MET A 242 22.04 -4.46 -3.77
N SER A 243 21.58 -5.63 -3.33
CA SER A 243 21.38 -6.80 -4.17
C SER A 243 19.95 -6.81 -4.71
N PHE A 244 19.81 -6.55 -6.01
CA PHE A 244 18.50 -6.49 -6.65
C PHE A 244 18.30 -7.78 -7.45
N ARG A 245 17.26 -8.52 -7.12
CA ARG A 245 17.00 -9.83 -7.71
C ARG A 245 15.63 -9.81 -8.36
N VAL A 246 15.58 -10.33 -9.58
CA VAL A 246 14.32 -10.56 -10.29
C VAL A 246 14.12 -12.06 -10.26
N SER A 247 13.10 -12.49 -9.52
CA SER A 247 12.91 -13.91 -9.17
C SER A 247 11.44 -14.22 -9.37
N PRO A 248 11.05 -14.52 -10.57
CA PRO A 248 9.62 -14.75 -10.86
C PRO A 248 9.14 -16.14 -10.46
N SER A 249 8.40 -16.22 -9.35
CA SER A 249 8.13 -17.52 -8.74
C SER A 249 7.11 -18.35 -9.50
N GLY A 250 6.40 -17.77 -10.46
CA GLY A 250 5.47 -18.54 -11.26
C GLY A 250 6.11 -19.36 -12.34
N VAL A 251 7.38 -19.07 -12.65
CA VAL A 251 8.09 -19.79 -13.69
C VAL A 251 9.28 -20.57 -13.15
N VAL A 252 9.91 -20.10 -12.05
CA VAL A 252 11.09 -20.72 -11.45
C VAL A 252 10.69 -21.50 -10.20
N ARG A 253 11.14 -22.76 -10.10
CA ARG A 253 10.83 -23.59 -8.93
C ARG A 253 11.69 -23.18 -7.73
N GLY A 254 11.10 -23.21 -6.53
CA GLY A 254 11.88 -23.09 -5.32
C GLY A 254 12.30 -21.69 -4.95
N THR A 255 11.56 -20.69 -5.40
CA THR A 255 11.81 -19.32 -5.00
C THR A 255 11.20 -19.10 -3.62
N THR A 256 11.77 -18.16 -2.87
CA THR A 256 11.17 -17.79 -1.60
C THR A 256 9.94 -16.92 -1.84
N GLY A 257 8.94 -17.08 -0.98
CA GLY A 257 7.73 -16.32 -1.11
C GLY A 257 7.88 -14.89 -0.63
N GLN A 258 6.89 -14.06 -0.98
CA GLN A 258 6.91 -12.66 -0.57
C GLN A 258 6.96 -12.53 0.94
N LEU A 259 6.35 -13.47 1.68
CA LEU A 259 6.32 -13.38 3.13
C LEU A 259 7.29 -14.38 3.73
N ASP A 260 8.55 -14.29 3.29
CA ASP A 260 9.62 -15.14 3.75
C ASP A 260 10.94 -14.44 3.48
N TYR A 261 11.95 -14.81 4.26
CA TYR A 261 13.26 -14.22 4.12
C TYR A 261 13.89 -14.63 2.79
N PRO A 262 14.27 -13.69 1.94
CA PRO A 262 15.05 -14.06 0.74
C PRO A 262 16.41 -14.62 1.11
N LEU A 263 16.95 -15.42 0.19
CA LEU A 263 18.28 -15.97 0.38
C LEU A 263 19.26 -14.87 0.78
N GLY A 264 20.07 -15.15 1.78
CA GLY A 264 21.02 -14.17 2.25
C GLY A 264 20.55 -13.35 3.43
N SER A 265 19.32 -13.53 3.86
CA SER A 265 18.79 -12.80 5.00
C SER A 265 18.21 -13.79 6.00
N ASN A 266 18.19 -13.39 7.27
CA ASN A 266 17.58 -14.16 8.34
C ASN A 266 17.18 -13.18 9.42
N PRO A 267 16.40 -13.63 10.43
CA PRO A 267 15.83 -12.66 11.39
C PRO A 267 16.88 -11.96 12.24
N ASP A 268 18.05 -12.57 12.44
CA ASP A 268 19.05 -11.95 13.30
C ASP A 268 19.73 -10.78 12.60
N THR A 269 19.85 -10.82 11.28
CA THR A 269 20.61 -9.84 10.54
C THR A 269 19.74 -8.84 9.79
N HIS A 270 18.47 -9.16 9.55
CA HIS A 270 17.62 -8.34 8.69
C HIS A 270 16.24 -8.20 9.31
N ILE A 271 15.60 -7.02 9.07
CA ILE A 271 14.15 -6.92 9.13
C ILE A 271 13.58 -7.32 7.78
N LEU A 272 12.37 -7.88 7.80
CA LEU A 272 11.72 -8.40 6.61
C LEU A 272 10.50 -7.53 6.30
N VAL A 273 10.50 -6.94 5.11
CA VAL A 273 9.45 -6.02 4.69
C VAL A 273 8.89 -6.52 3.37
N SER A 274 7.57 -6.49 3.21
CA SER A 274 6.97 -6.78 1.91
C SER A 274 6.08 -5.63 1.48
N ILE A 275 6.29 -5.17 0.26
CA ILE A 275 5.43 -4.18 -0.37
C ILE A 275 4.18 -4.87 -0.85
N VAL A 276 3.04 -4.21 -0.67
CA VAL A 276 1.74 -4.76 -1.07
C VAL A 276 1.13 -3.86 -2.13
N ALA A 277 0.63 -4.47 -3.20
CA ALA A 277 0.03 -3.72 -4.31
C ALA A 277 -1.39 -3.38 -3.88
N TRP A 278 -1.56 -2.15 -3.43
CA TRP A 278 -2.76 -1.69 -2.73
C TRP A 278 -3.75 -1.06 -3.71
N ASP A 279 -4.68 -0.25 -3.17
CA ASP A 279 -5.80 0.33 -3.91
C ASP A 279 -6.07 1.74 -3.36
N HIS A 280 -6.09 2.73 -4.24
CA HIS A 280 -6.43 4.13 -3.99
C HIS A 280 -7.55 4.26 -2.97
N PHE A 281 -8.57 3.44 -3.11
CA PHE A 281 -9.83 3.69 -2.46
C PHE A 281 -10.17 2.71 -1.37
N SER A 282 -9.32 1.71 -1.08
CA SER A 282 -9.74 0.70 -0.12
C SER A 282 -8.84 0.71 1.10
N TRP A 283 -9.30 0.02 2.13
CA TRP A 283 -8.44 -0.25 3.26
C TRP A 283 -7.39 -1.30 2.89
N PRO A 284 -6.32 -1.41 3.66
CA PRO A 284 -5.32 -2.42 3.33
C PRO A 284 -5.93 -3.81 3.43
N GLY A 285 -5.72 -4.60 2.36
CA GLY A 285 -6.26 -5.94 2.33
C GLY A 285 -7.49 -6.10 1.49
N ASN A 286 -8.07 -4.99 1.01
CA ASN A 286 -9.20 -4.90 0.08
C ASN A 286 -10.04 -6.18 -0.05
N ASP A 287 -9.74 -7.03 -1.05
CA ASP A 287 -10.57 -8.21 -1.33
C ASP A 287 -10.89 -9.02 -0.08
N TYR A 288 -9.94 -9.14 0.84
CA TYR A 288 -10.14 -10.04 1.96
C TYR A 288 -11.11 -9.49 3.02
N TRP A 289 -11.39 -8.17 3.05
CA TRP A 289 -12.49 -7.70 3.91
C TRP A 289 -13.79 -8.40 3.52
N GLY A 290 -13.91 -8.83 2.27
CA GLY A 290 -15.09 -9.52 1.81
C GLY A 290 -14.87 -11.03 1.79
N GLY A 291 -13.84 -11.47 2.49
CA GLY A 291 -13.62 -12.91 2.67
C GLY A 291 -12.85 -13.58 1.57
N ALA A 292 -12.34 -12.82 0.60
CA ALA A 292 -11.67 -13.39 -0.57
C ALA A 292 -10.16 -13.23 -0.41
N ARG A 293 -9.47 -14.38 -0.27
CA ARG A 293 -8.00 -14.42 -0.24
C ARG A 293 -7.48 -14.41 -1.69
N GLN A 294 -7.57 -13.23 -2.31
CA GLN A 294 -7.31 -13.07 -3.73
C GLN A 294 -6.55 -11.76 -3.97
N THR A 295 -5.64 -11.80 -4.96
CA THR A 295 -4.72 -10.73 -5.35
C THR A 295 -3.64 -10.54 -4.30
N ASP A 296 -2.56 -9.84 -4.69
CA ASP A 296 -1.46 -9.60 -3.75
C ASP A 296 -1.98 -8.96 -2.46
N ASP A 297 -2.88 -7.99 -2.61
CA ASP A 297 -3.42 -7.26 -1.47
C ASP A 297 -4.21 -8.18 -0.55
N GLY A 298 -5.15 -8.94 -1.11
CA GLY A 298 -5.97 -9.80 -0.27
C GLY A 298 -5.20 -10.98 0.30
N VAL A 299 -4.27 -11.52 -0.47
CA VAL A 299 -3.50 -12.68 0.00
C VAL A 299 -2.59 -12.28 1.14
N LYS A 300 -1.86 -11.18 0.97
CA LYS A 300 -0.93 -10.77 2.00
C LYS A 300 -1.66 -10.35 3.27
N ALA A 301 -2.79 -9.66 3.14
CA ALA A 301 -3.58 -9.32 4.31
C ALA A 301 -4.11 -10.57 5.01
N ALA A 302 -4.62 -11.53 4.24
CA ALA A 302 -5.15 -12.73 4.84
C ALA A 302 -4.06 -13.57 5.49
N SER A 303 -2.81 -13.46 4.99
CA SER A 303 -1.74 -14.34 5.42
C SER A 303 -0.94 -13.75 6.57
N THR A 304 -1.39 -12.62 7.08
CA THR A 304 -0.76 -11.87 8.17
C THR A 304 -1.87 -11.54 9.16
N ASP A 305 -1.51 -10.82 10.23
CA ASP A 305 -2.53 -10.28 11.13
C ASP A 305 -2.88 -8.85 10.77
N THR A 306 -2.77 -8.55 9.47
CA THR A 306 -3.20 -7.24 9.01
C THR A 306 -4.55 -6.90 9.61
N MET A 307 -5.51 -7.78 9.56
CA MET A 307 -6.86 -7.23 9.87
C MET A 307 -6.88 -6.99 11.33
N GLY A 308 -6.08 -7.71 12.12
CA GLY A 308 -6.02 -7.42 13.55
C GLY A 308 -5.36 -6.09 13.83
N GLN A 309 -4.32 -5.76 13.05
CA GLN A 309 -3.65 -4.48 13.21
C GLN A 309 -4.57 -3.31 12.88
N VAL A 310 -5.46 -3.49 11.90
CA VAL A 310 -6.37 -2.42 11.50
C VAL A 310 -7.55 -2.33 12.46
N THR A 311 -8.17 -3.48 12.80
CA THR A 311 -9.36 -3.46 13.65
C THR A 311 -9.08 -3.43 15.14
N GLY A 312 -7.91 -3.88 15.59
CA GLY A 312 -7.67 -4.06 16.99
C GLY A 312 -8.21 -5.37 17.58
N ALA A 313 -8.89 -6.17 16.79
CA ALA A 313 -9.41 -7.44 17.28
C ALA A 313 -8.33 -8.51 17.17
N THR A 314 -8.48 -9.57 17.96
CA THR A 314 -7.57 -10.70 17.89
C THR A 314 -8.22 -11.77 17.01
N GLY A 315 -7.73 -11.92 15.79
CA GLY A 315 -8.18 -12.99 14.93
C GLY A 315 -7.49 -14.30 15.25
N VAL A 316 -7.83 -15.31 14.45
CA VAL A 316 -7.36 -16.68 14.64
C VAL A 316 -6.88 -17.18 13.30
N TYR A 317 -5.62 -17.57 13.19
CA TYR A 317 -5.11 -18.07 11.92
C TYR A 317 -5.64 -19.48 11.65
N ASP A 318 -6.14 -19.71 10.44
CA ASP A 318 -6.66 -21.02 10.04
C ASP A 318 -5.62 -21.68 9.15
N LYS A 319 -4.96 -22.74 9.66
CA LYS A 319 -3.86 -23.31 8.89
C LYS A 319 -4.38 -23.94 7.61
N LYS A 320 -5.57 -24.57 7.67
CA LYS A 320 -6.07 -25.33 6.53
C LYS A 320 -6.31 -24.42 5.33
N TRP A 321 -6.76 -23.20 5.56
CA TRP A 321 -7.15 -22.29 4.48
C TRP A 321 -6.21 -21.09 4.34
N GLY A 322 -5.14 -21.05 5.12
CA GLY A 322 -4.13 -20.02 4.95
C GLY A 322 -4.56 -18.60 5.25
N ARG A 323 -5.49 -18.41 6.20
CA ARG A 323 -6.07 -17.09 6.36
C ARG A 323 -6.39 -16.81 7.82
N TYR A 324 -6.12 -15.56 8.23
CA TYR A 324 -6.40 -15.01 9.54
C TYR A 324 -7.89 -14.70 9.62
N MET A 325 -8.61 -15.43 10.49
CA MET A 325 -10.05 -15.30 10.58
C MET A 325 -10.44 -14.33 11.68
N PRO A 326 -11.66 -13.79 11.62
CA PRO A 326 -12.15 -12.97 12.72
C PRO A 326 -12.20 -13.73 14.03
N PRO A 327 -12.37 -13.03 15.15
CA PRO A 327 -12.42 -13.69 16.45
C PRO A 327 -13.48 -14.78 16.51
N GLU A 328 -13.14 -15.90 17.17
CA GLU A 328 -14.08 -17.01 17.28
C GLU A 328 -15.46 -16.54 17.75
N SER A 329 -15.50 -15.64 18.74
CA SER A 329 -16.77 -15.11 19.23
C SER A 329 -17.62 -14.49 18.11
N PHE A 330 -16.97 -13.74 17.20
CA PHE A 330 -17.70 -13.14 16.09
C PHE A 330 -18.16 -14.19 15.09
N THR A 331 -17.32 -15.19 14.81
CA THR A 331 -17.64 -16.20 13.82
C THR A 331 -18.66 -17.22 14.35
N LYS A 332 -18.63 -17.53 15.65
CA LYS A 332 -19.52 -18.55 16.24
C LYS A 332 -20.97 -18.21 15.98
N ASP A 333 -21.65 -19.06 15.20
CA ASP A 333 -22.97 -18.76 14.65
C ASP A 333 -22.84 -17.68 13.59
N ALA A 334 -23.67 -16.63 13.68
CA ALA A 334 -23.62 -15.44 12.84
C ALA A 334 -24.22 -15.66 11.45
N LYS A 335 -24.67 -16.89 11.13
CA LYS A 335 -25.16 -17.23 9.80
C LYS A 335 -24.06 -17.19 8.73
N GLY A 336 -22.80 -17.40 9.12
CA GLY A 336 -21.71 -17.38 8.17
C GLY A 336 -21.52 -16.03 7.52
N MET A 337 -22.43 -15.09 7.81
CA MET A 337 -22.27 -13.69 7.42
C MET A 337 -21.29 -13.01 8.37
N SER A 338 -20.05 -13.52 8.37
CA SER A 338 -19.07 -13.21 9.40
C SER A 338 -17.65 -13.11 8.83
N ASP A 339 -17.46 -12.22 7.87
CA ASP A 339 -16.13 -11.89 7.38
C ASP A 339 -15.69 -10.58 8.03
N TRP A 340 -14.49 -10.13 7.68
CA TRP A 340 -13.89 -9.02 8.41
C TRP A 340 -14.61 -7.72 8.12
N GLY A 341 -15.12 -7.54 6.90
CA GLY A 341 -15.91 -6.35 6.62
C GLY A 341 -17.21 -6.32 7.39
N ASP A 342 -17.79 -7.49 7.64
CA ASP A 342 -18.93 -7.57 8.55
C ASP A 342 -18.53 -7.15 9.96
N TYR A 343 -17.35 -7.56 10.40
CA TYR A 343 -16.87 -7.12 11.72
C TYR A 343 -16.77 -5.61 11.76
N VAL A 344 -16.23 -5.00 10.70
CA VAL A 344 -16.05 -3.55 10.65
C VAL A 344 -17.40 -2.85 10.78
N ARG A 345 -18.41 -3.35 10.07
CA ARG A 345 -19.72 -2.71 10.07
C ARG A 345 -20.36 -2.71 11.44
N GLU A 346 -20.38 -3.88 12.11
CA GLU A 346 -21.05 -3.96 13.41
C GLU A 346 -20.27 -3.32 14.55
N ASN A 347 -18.98 -3.08 14.40
CA ASN A 347 -18.20 -2.44 15.45
C ASN A 347 -17.77 -1.02 15.10
N GLY A 348 -18.26 -0.48 13.98
CA GLY A 348 -18.00 0.91 13.63
C GLY A 348 -16.53 1.28 13.51
N ILE A 349 -15.71 0.36 12.98
CA ILE A 349 -14.29 0.61 12.81
C ILE A 349 -14.09 1.59 11.67
N VAL A 350 -13.14 2.52 11.83
CA VAL A 350 -12.75 3.40 10.74
C VAL A 350 -11.25 3.28 10.50
N PHE A 351 -10.84 3.67 9.29
CA PHE A 351 -9.44 3.65 8.88
C PHE A 351 -8.91 5.08 8.94
N ASN A 352 -8.06 5.34 9.92
CA ASN A 352 -7.60 6.68 10.27
C ASN A 352 -6.43 6.51 11.23
N GLY A 353 -5.24 6.91 10.83
CA GLY A 353 -4.10 6.85 11.71
C GLY A 353 -3.14 8.00 11.46
N PRO A 354 -1.98 7.96 12.13
CA PRO A 354 -1.00 9.05 11.97
C PRO A 354 -0.45 9.09 10.56
N VAL A 355 -0.12 10.29 10.09
CA VAL A 355 0.40 10.44 8.73
C VAL A 355 1.62 11.35 8.74
N LEU A 356 2.65 10.97 8.01
CA LEU A 356 3.85 11.77 7.89
C LEU A 356 4.18 11.97 6.42
N ALA A 357 4.97 13.02 6.15
CA ALA A 357 5.40 13.32 4.81
C ALA A 357 6.91 13.29 4.74
N LEU A 358 7.43 12.94 3.56
CA LEU A 358 8.87 12.93 3.30
C LEU A 358 9.28 14.32 2.82
N ASP A 359 10.13 15.01 3.59
CA ASP A 359 10.50 16.34 3.17
C ASP A 359 11.68 16.29 2.20
N LYS A 360 11.99 17.46 1.61
CA LYS A 360 13.01 17.52 0.55
C LYS A 360 14.40 17.15 1.05
N SER A 361 14.62 17.11 2.37
CA SER A 361 15.90 16.64 2.89
C SER A 361 15.96 15.14 3.11
N GLY A 362 14.84 14.45 2.96
CA GLY A 362 14.80 13.00 3.14
C GLY A 362 14.43 12.54 4.52
N LYS A 363 13.71 13.36 5.30
CA LYS A 363 13.32 13.05 6.66
C LYS A 363 11.80 12.99 6.68
N LEU A 364 11.25 12.00 7.38
CA LEU A 364 9.80 11.92 7.55
C LEU A 364 9.42 12.81 8.73
N ASP A 365 8.39 13.63 8.53
CA ASP A 365 8.02 14.67 9.50
C ASP A 365 6.52 14.94 9.38
N THR A 366 5.99 15.72 10.31
CA THR A 366 4.55 16.01 10.28
C THR A 366 4.19 16.80 9.04
N LEU A 367 2.94 16.63 8.57
CA LEU A 367 2.49 17.45 7.45
C LEU A 367 2.65 18.92 7.77
N GLU A 368 2.30 19.33 8.99
CA GLU A 368 2.45 20.71 9.42
C GLU A 368 3.90 21.17 9.27
N ASN A 369 4.85 20.37 9.73
CA ASN A 369 6.26 20.80 9.69
C ASN A 369 6.76 20.88 8.26
N VAL A 370 6.49 19.85 7.46
CA VAL A 370 7.00 19.84 6.10
C VAL A 370 6.42 21.00 5.31
N ALA A 371 5.11 21.28 5.49
CA ALA A 371 4.46 22.32 4.74
C ALA A 371 5.01 23.69 5.06
N SER A 372 5.44 23.90 6.30
CA SER A 372 5.95 25.21 6.68
C SER A 372 7.37 25.45 6.19
N ARG A 373 8.24 24.43 6.27
CA ARG A 373 9.64 24.56 5.88
C ARG A 373 9.81 24.29 4.39
N1 AR6 B . 0.69 -16.03 -7.45
C2 AR6 B . 1.49 -14.97 -7.26
N3 AR6 B . 1.46 -13.78 -7.86
C4 AR6 B . 0.47 -13.73 -8.76
C5 AR6 B . -0.42 -14.73 -9.08
C6 AR6 B . -0.30 -15.94 -8.37
N6 AR6 B . -1.09 -16.99 -8.56
N7 AR6 B . -1.29 -14.28 -10.07
C8 AR6 B . -0.91 -13.05 -10.33
N9 AR6 B . 0.15 -12.65 -9.53
PA AR6 B . -2.40 -7.58 -8.62
PB AR6 B . -2.35 -4.66 -9.19
C1' AR6 B . 0.91 -11.44 -9.56
O1A AR6 B . -3.50 -7.69 -9.63
O1B AR6 B . -1.46 -3.65 -8.50
C1D AR6 B . -6.16 -5.69 -5.63
O1D AR6 B . -7.53 -5.93 -5.54
C2' AR6 B . 0.66 -10.67 -10.85
O2' AR6 B . 1.22 -11.07 -12.09
O2A AR6 B . -2.59 -8.22 -7.28
O2B AR6 B . -2.19 -4.89 -10.66
C2D AR6 B . -5.81 -4.38 -4.92
O2D AR6 B . -6.56 -4.11 -3.75
C3' AR6 B . 1.23 -9.29 -10.45
O3' AR6 B . 2.62 -9.27 -10.77
O3A AR6 B . -2.11 -6.02 -8.38
C3D AR6 B . -6.20 -3.38 -6.02
O3D AR6 B . -7.62 -3.24 -6.10
C4' AR6 B . 1.05 -9.23 -8.93
O4' AR6 B . 0.52 -10.53 -8.56
C4D AR6 B . -5.65 -4.08 -7.26
O4D AR6 B . -5.76 -5.50 -6.99
C5' AR6 B . 0.11 -8.16 -8.42
O5' AR6 B . -1.03 -8.10 -9.28
C5D AR6 B . -4.21 -3.78 -7.56
O5D AR6 B . -3.87 -4.34 -8.84
H2 AR6 B . 2.16 -15.08 -6.61
HN6 AR6 B . -1.74 -16.95 -9.15
HN6A AR6 B . -0.96 -17.72 -8.09
H8 AR6 B . -1.31 -12.51 -10.99
H1' AR6 B . 1.87 -11.66 -9.40
H1D AR6 B . -5.64 -6.47 -5.27
H2' AR6 B . -0.32 -10.77 -10.96
HO2' AR6 B . 0.87 -11.81 -12.33
H2D AR6 B . -4.83 -4.34 -4.66
HO2D AR6 B . -6.51 -4.77 -3.23
H3' AR6 B . 0.71 -8.56 -10.88
HO3' AR6 B . 3.00 -9.91 -10.36
H3D AR6 B . -5.74 -2.44 -5.89
HO3D AR6 B . -7.79 -2.74 -6.77
H4' AR6 B . 1.92 -9.09 -8.51
H4D AR6 B . -6.24 -3.84 -8.07
H5' AR6 B . 0.57 -7.29 -8.40
H5'A AR6 B . -0.18 -8.39 -7.50
H5D AR6 B . -4.06 -2.80 -7.57
H5DA AR6 B . -3.63 -4.17 -6.85
HD1 AR6 B . -7.74 -6.60 -6.00
C1 EDO C . -2.64 -0.43 -25.38
O1 EDO C . -2.59 0.93 -25.73
C2 EDO C . -1.24 -1.04 -25.30
O2 EDO C . -1.11 -2.09 -26.22
H11 EDO C . -3.21 -0.97 -26.12
H12 EDO C . -3.12 -0.52 -24.41
HO1 EDO C . -2.99 1.06 -26.58
H21 EDO C . -1.07 -1.42 -24.29
H22 EDO C . -0.50 -0.28 -25.52
HO2 EDO C . -1.11 -1.74 -27.10
C1 EDO D . -8.01 6.99 24.20
O1 EDO D . -8.14 8.34 24.63
C2 EDO D . -8.78 6.07 25.15
O2 EDO D . -9.44 5.01 24.49
H11 EDO D . -6.97 6.71 24.21
H12 EDO D . -8.41 6.90 23.21
HO1 EDO D . -8.73 8.80 24.05
H21 EDO D . -9.52 6.66 25.68
H22 EDO D . -8.08 5.64 25.86
HO2 EDO D . -9.63 5.25 23.60
C1 PEG E . -18.61 0.70 -4.24
O1 PEG E . -19.15 1.75 -3.46
C2 PEG E . -17.78 -0.27 -3.40
O2 PEG E . -18.37 -1.53 -3.29
C3 PEG E . -18.24 -2.18 -2.04
C4 PEG E . -19.36 -3.21 -1.85
O4 PEG E . -20.07 -2.95 -0.66
H11 PEG E . -17.99 1.12 -5.01
H12 PEG E . -19.43 0.15 -4.69
HO1 PEG E . -19.65 2.34 -4.01
H21 PEG E . -17.66 0.15 -2.40
H22 PEG E . -16.80 -0.37 -3.86
H31 PEG E . -18.30 -1.44 -1.26
H32 PEG E . -17.28 -2.68 -2.00
H41 PEG E . -18.92 -4.21 -1.79
H42 PEG E . -20.04 -3.17 -2.69
HO4 PEG E . -20.98 -3.15 -0.79
NA NA F . 16.81 6.24 -15.49
S SO4 G . -11.01 -17.56 -1.61
O1 SO4 G . -11.17 -18.69 -0.72
O2 SO4 G . -11.99 -16.54 -1.28
O3 SO4 G . -9.65 -17.07 -1.45
O4 SO4 G . -11.24 -17.94 -3.00
#